data_5LDP
#
_entry.id   5LDP
#
_cell.length_a   102.150
_cell.length_b   73.470
_cell.length_c   77.610
_cell.angle_alpha   90.00
_cell.angle_beta   128.34
_cell.angle_gamma   90.00
#
_symmetry.space_group_name_H-M   'C 1 2 1'
#
loop_
_entity.id
_entity.type
_entity.pdbx_description
1 polymer "RNA 2',3'-cyclic phosphodiesterase"
2 non-polymer "ADENOSINE-5'-TRIPHOSPHATE"
3 non-polymer 'CHLORIDE ION'
4 non-polymer 'MAGNESIUM ION'
5 water water
#
_entity_poly.entity_id   1
_entity_poly.type   'polypeptide(L)'
_entity_poly.pdbx_seq_one_letter_code
;GMSEPQRLFFAIDLPAEIREQIIHWRAKHFPPEAGRPVAADNLHLTLAFLGEVSAEKEKALSLLAGRIRQPGFTLTLDDA
GQWLRSRVVWLGMRQPPRGLIQLANMLRSQAARSGCFQSNRPFHPHITLLRDASEAVTIPPPGFNWSYAVTEFTLYASSF
ARGRTRYTPLKRWALTQ
;
_entity_poly.pdbx_strand_id   A,B
#
# COMPACT_ATOMS: atom_id res chain seq x y z
N SER A 3 35.93 11.75 -16.06
CA SER A 3 37.04 12.16 -15.21
C SER A 3 37.01 11.42 -13.88
N GLU A 4 35.87 11.49 -13.20
CA GLU A 4 35.71 10.88 -11.89
C GLU A 4 35.16 9.45 -11.96
N PRO A 5 35.86 8.50 -11.33
CA PRO A 5 35.33 7.14 -11.11
C PRO A 5 34.21 7.15 -10.06
N GLN A 6 33.00 6.72 -10.44
CA GLN A 6 31.86 6.88 -9.52
C GLN A 6 31.19 5.58 -9.06
N ARG A 7 30.55 5.65 -7.89
CA ARG A 7 29.81 4.55 -7.32
C ARG A 7 28.32 4.66 -7.72
N LEU A 8 27.86 3.79 -8.62
CA LEU A 8 26.55 3.98 -9.25
C LEU A 8 25.48 2.91 -9.00
N PHE A 9 24.21 3.33 -9.06
CA PHE A 9 23.10 2.39 -9.04
C PHE A 9 21.88 2.99 -9.71
N PHE A 10 21.02 2.11 -10.23
CA PHE A 10 19.73 2.52 -10.82
C PHE A 10 18.65 2.33 -9.76
N ALA A 11 17.65 3.22 -9.74
CA ALA A 11 16.61 3.11 -8.76
C ALA A 11 15.28 3.71 -9.24
N ILE A 12 14.22 3.34 -8.52
N ILE A 12 14.23 3.31 -8.52
CA ILE A 12 12.90 3.92 -8.66
CA ILE A 12 12.88 3.88 -8.61
C ILE A 12 12.66 4.78 -7.43
C ILE A 12 12.69 4.80 -7.41
N ASP A 13 12.11 5.97 -7.64
CA ASP A 13 11.90 6.90 -6.54
C ASP A 13 10.45 6.93 -6.05
N LEU A 14 10.28 7.51 -4.86
CA LEU A 14 8.96 7.68 -4.23
C LEU A 14 8.47 9.10 -4.39
N PRO A 15 7.17 9.27 -4.71
CA PRO A 15 6.57 10.61 -4.70
C PRO A 15 6.65 11.20 -3.29
N ALA A 16 6.70 12.51 -3.17
CA ALA A 16 6.94 13.16 -1.88
C ALA A 16 5.86 12.81 -0.83
N GLU A 17 4.60 12.77 -1.26
N GLU A 17 4.60 12.77 -1.23
CA GLU A 17 3.50 12.46 -0.36
CA GLU A 17 3.55 12.48 -0.25
C GLU A 17 3.69 11.11 0.33
C GLU A 17 3.72 11.10 0.37
N ILE A 18 4.04 10.10 -0.45
CA ILE A 18 4.21 8.75 0.07
C ILE A 18 5.45 8.67 0.95
N ARG A 19 6.51 9.35 0.56
N ARG A 19 6.50 9.34 0.52
CA ARG A 19 7.71 9.42 1.41
CA ARG A 19 7.72 9.52 1.32
C ARG A 19 7.36 10.01 2.79
C ARG A 19 7.38 10.02 2.73
N GLU A 20 6.55 11.06 2.80
CA GLU A 20 6.15 11.67 4.06
C GLU A 20 5.32 10.68 4.88
N GLN A 21 4.41 9.98 4.24
CA GLN A 21 3.64 8.97 4.96
C GLN A 21 4.52 7.87 5.54
N ILE A 22 5.52 7.45 4.78
CA ILE A 22 6.38 6.38 5.21
C ILE A 22 7.17 6.82 6.45
N ILE A 23 7.70 8.04 6.45
CA ILE A 23 8.52 8.45 7.59
C ILE A 23 7.66 8.66 8.82
N HIS A 24 6.41 9.10 8.63
N HIS A 24 6.42 9.09 8.63
CA HIS A 24 5.50 9.27 9.74
CA HIS A 24 5.52 9.27 9.78
C HIS A 24 5.17 7.94 10.39
C HIS A 24 5.19 7.92 10.41
N TRP A 25 4.89 6.94 9.56
CA TRP A 25 4.60 5.57 10.00
C TRP A 25 5.82 4.93 10.69
N ARG A 26 6.99 5.16 10.12
CA ARG A 26 8.22 4.61 10.67
C ARG A 26 8.47 5.15 12.06
N ALA A 27 8.32 6.45 12.21
CA ALA A 27 8.52 7.11 13.50
C ALA A 27 7.54 6.57 14.54
N LYS A 28 6.31 6.36 14.10
CA LYS A 28 5.25 5.91 14.97
C LYS A 28 5.50 4.49 15.46
N HIS A 29 6.12 3.66 14.62
CA HIS A 29 6.18 2.24 14.97
C HIS A 29 7.56 1.75 15.37
N PHE A 30 8.59 2.57 15.21
CA PHE A 30 9.96 2.12 15.46
C PHE A 30 10.73 3.10 16.31
N PRO A 31 11.00 2.73 17.57
CA PRO A 31 11.77 3.57 18.47
C PRO A 31 13.18 3.71 17.94
N PRO A 32 13.90 4.77 18.34
CA PRO A 32 15.29 4.94 17.89
C PRO A 32 16.10 3.66 18.07
N GLU A 33 15.82 2.94 19.15
CA GLU A 33 16.53 1.71 19.52
C GLU A 33 16.52 0.64 18.43
N ALA A 34 15.48 0.66 17.60
CA ALA A 34 15.23 -0.41 16.64
C ALA A 34 16.20 -0.41 15.46
N GLY A 35 16.85 0.73 15.22
CA GLY A 35 17.79 0.82 14.13
C GLY A 35 17.96 2.23 13.62
N ARG A 36 18.88 2.40 12.69
CA ARG A 36 19.22 3.72 12.19
C ARG A 36 18.33 4.04 11.01
N PRO A 37 17.51 5.09 11.13
CA PRO A 37 16.55 5.46 10.08
C PRO A 37 17.25 5.98 8.84
N VAL A 38 16.82 5.47 7.70
CA VAL A 38 17.23 6.03 6.43
C VAL A 38 16.64 7.44 6.29
N ALA A 39 17.48 8.42 5.94
CA ALA A 39 17.00 9.78 5.71
C ALA A 39 15.90 9.80 4.65
N ALA A 40 14.88 10.63 4.88
CA ALA A 40 13.70 10.66 4.01
C ALA A 40 14.04 10.79 2.52
N ASP A 41 15.00 11.67 2.23
CA ASP A 41 15.43 11.92 0.85
C ASP A 41 16.10 10.71 0.24
N ASN A 42 16.54 9.79 1.08
CA ASN A 42 17.31 8.66 0.59
C ASN A 42 16.47 7.41 0.39
N LEU A 43 15.19 7.46 0.75
CA LEU A 43 14.30 6.32 0.54
C LEU A 43 14.14 6.07 -0.93
N HIS A 44 14.38 4.83 -1.37
CA HIS A 44 14.29 4.50 -2.80
C HIS A 44 14.22 3.00 -2.94
N LEU A 45 13.95 2.53 -4.14
CA LEU A 45 13.91 1.12 -4.45
C LEU A 45 15.00 0.79 -5.48
N THR A 46 16.03 0.07 -5.08
CA THR A 46 17.16 -0.13 -5.99
C THR A 46 16.80 -1.15 -7.07
N LEU A 47 17.11 -0.83 -8.32
CA LEU A 47 16.94 -1.78 -9.43
C LEU A 47 18.20 -2.59 -9.70
N ALA A 48 19.34 -1.92 -9.69
CA ALA A 48 20.61 -2.58 -10.00
C ALA A 48 21.73 -1.78 -9.39
N PHE A 49 22.61 -2.46 -8.68
CA PHE A 49 23.81 -1.82 -8.15
C PHE A 49 25.00 -2.06 -9.10
N LEU A 50 25.66 -0.98 -9.53
CA LEU A 50 26.75 -1.10 -10.50
C LEU A 50 28.15 -1.13 -9.87
N GLY A 51 28.24 -0.70 -8.63
CA GLY A 51 29.54 -0.56 -7.98
C GLY A 51 30.34 0.60 -8.56
N GLU A 52 31.66 0.47 -8.57
CA GLU A 52 32.53 1.53 -9.05
C GLU A 52 32.69 1.50 -10.57
N VAL A 53 32.30 2.59 -11.22
CA VAL A 53 32.18 2.64 -12.66
C VAL A 53 33.01 3.78 -13.22
N SER A 54 33.85 3.48 -14.21
CA SER A 54 34.64 4.49 -14.89
C SER A 54 33.73 5.42 -15.68
N ALA A 55 34.25 6.57 -16.08
CA ALA A 55 33.45 7.49 -16.87
C ALA A 55 33.04 6.85 -18.19
N GLU A 56 33.97 6.12 -18.83
CA GLU A 56 33.69 5.45 -20.09
C GLU A 56 32.60 4.38 -19.94
N LYS A 57 32.68 3.61 -18.86
CA LYS A 57 31.72 2.54 -18.60
C LYS A 57 30.34 3.13 -18.30
N GLU A 58 30.34 4.22 -17.54
CA GLU A 58 29.07 4.88 -17.23
C GLU A 58 28.35 5.33 -18.50
N LYS A 59 29.09 5.92 -19.43
CA LYS A 59 28.52 6.35 -20.70
C LYS A 59 27.92 5.16 -21.48
N ALA A 60 28.65 4.05 -21.56
CA ALA A 60 28.14 2.88 -22.26
C ALA A 60 26.88 2.30 -21.59
N LEU A 61 26.87 2.22 -20.26
CA LEU A 61 25.70 1.72 -19.54
C LEU A 61 24.49 2.64 -19.70
N SER A 62 24.75 3.94 -19.70
CA SER A 62 23.68 4.92 -19.88
C SER A 62 23.02 4.81 -21.24
N LEU A 63 23.84 4.54 -22.26
CA LEU A 63 23.30 4.33 -23.60
C LEU A 63 22.40 3.11 -23.62
N LEU A 64 22.85 2.01 -23.00
CA LEU A 64 22.03 0.81 -22.93
C LEU A 64 20.73 1.07 -22.18
N ALA A 65 20.81 1.78 -21.06
CA ALA A 65 19.61 2.15 -20.31
C ALA A 65 18.63 2.95 -21.19
N GLY A 66 19.18 3.77 -22.08
CA GLY A 66 18.36 4.61 -22.95
C GLY A 66 17.70 3.84 -24.08
N ARG A 67 18.07 2.57 -24.24
CA ARG A 67 17.45 1.72 -25.24
C ARG A 67 16.20 1.00 -24.72
N ILE A 68 16.03 1.02 -23.40
CA ILE A 68 14.92 0.31 -22.76
C ILE A 68 13.57 0.90 -23.18
N ARG A 69 12.65 0.03 -23.56
CA ARG A 69 11.28 0.40 -23.92
C ARG A 69 10.31 -0.44 -23.14
N GLN A 70 9.68 0.13 -22.14
CA GLN A 70 8.61 -0.61 -21.56
C GLN A 70 7.68 0.35 -20.88
N PRO A 71 6.42 -0.06 -20.76
CA PRO A 71 5.37 0.74 -20.12
C PRO A 71 5.67 1.01 -18.66
N GLY A 72 5.13 2.10 -18.14
CA GLY A 72 5.18 2.33 -16.71
C GLY A 72 4.25 1.35 -16.02
N PHE A 73 4.25 1.38 -14.70
CA PHE A 73 3.45 0.42 -13.96
C PHE A 73 3.15 1.04 -12.62
N THR A 74 2.17 0.46 -11.94
CA THR A 74 1.81 0.89 -10.59
C THR A 74 2.48 0.03 -9.52
N LEU A 75 3.08 0.69 -8.53
N LEU A 75 2.97 0.71 -8.47
CA LEU A 75 3.56 -0.02 -7.36
CA LEU A 75 3.60 0.04 -7.34
C LEU A 75 2.59 0.21 -6.22
C LEU A 75 2.76 0.25 -6.08
N THR A 76 2.29 -0.84 -5.48
CA THR A 76 1.47 -0.74 -4.27
C THR A 76 2.21 -1.44 -3.15
N LEU A 77 2.66 -0.69 -2.16
CA LEU A 77 3.47 -1.25 -1.08
C LEU A 77 2.54 -1.87 -0.04
N ASP A 78 2.38 -3.18 -0.10
CA ASP A 78 1.49 -3.88 0.81
C ASP A 78 2.21 -4.75 1.86
N ASP A 79 3.54 -4.71 1.85
N ASP A 79 3.54 -4.78 1.88
CA ASP A 79 4.37 -5.60 2.69
CA ASP A 79 4.14 -5.53 2.96
C ASP A 79 5.44 -4.85 3.50
C ASP A 79 5.45 -4.93 3.46
N ALA A 80 5.85 -5.41 4.63
CA ALA A 80 6.99 -4.90 5.37
C ALA A 80 7.63 -6.09 6.05
N GLY A 81 8.94 -6.04 6.27
CA GLY A 81 9.63 -7.15 6.89
C GLY A 81 10.99 -6.75 7.41
N GLN A 82 11.71 -7.74 7.96
CA GLN A 82 13.07 -7.50 8.43
C GLN A 82 13.96 -8.56 7.83
N TRP A 83 15.14 -8.18 7.34
CA TRP A 83 16.15 -9.18 7.00
C TRP A 83 17.31 -9.12 7.99
N LEU A 84 17.36 -10.09 8.90
CA LEU A 84 18.41 -10.13 9.90
C LEU A 84 19.78 -10.28 9.25
N ARG A 85 19.82 -10.94 8.09
CA ARG A 85 21.09 -11.23 7.42
C ARG A 85 21.85 -9.94 7.14
N SER A 86 21.14 -8.97 6.57
CA SER A 86 21.76 -7.69 6.25
C SER A 86 21.31 -6.59 7.21
N ARG A 87 20.57 -6.98 8.25
CA ARG A 87 20.19 -6.08 9.34
C ARG A 87 19.36 -4.87 8.88
N VAL A 88 18.35 -5.11 8.06
CA VAL A 88 17.50 -4.00 7.63
C VAL A 88 16.02 -4.30 7.85
N VAL A 89 15.25 -3.24 8.03
CA VAL A 89 13.79 -3.29 7.98
C VAL A 89 13.33 -2.60 6.70
N TRP A 90 12.42 -3.24 5.98
CA TRP A 90 12.05 -2.78 4.63
C TRP A 90 10.56 -2.79 4.35
N LEU A 91 10.17 -2.07 3.30
CA LEU A 91 8.85 -2.09 2.70
C LEU A 91 8.94 -2.79 1.35
N GLY A 92 7.88 -3.47 0.94
CA GLY A 92 7.93 -4.10 -0.37
C GLY A 92 6.56 -4.46 -0.87
N MET A 93 6.54 -5.41 -1.80
CA MET A 93 5.31 -5.90 -2.40
C MET A 93 5.25 -7.41 -2.32
N ARG A 94 4.07 -7.94 -2.04
CA ARG A 94 3.90 -9.38 -2.00
C ARG A 94 4.06 -9.96 -3.40
N GLN A 95 3.48 -9.28 -4.37
CA GLN A 95 3.52 -9.72 -5.76
C GLN A 95 3.93 -8.55 -6.64
N PRO A 96 5.25 -8.31 -6.74
CA PRO A 96 5.69 -7.16 -7.54
C PRO A 96 5.17 -7.23 -8.98
N PRO A 97 4.80 -6.08 -9.57
CA PRO A 97 4.32 -6.07 -10.95
C PRO A 97 5.37 -6.62 -11.90
N ARG A 98 4.94 -7.33 -12.94
CA ARG A 98 5.87 -7.90 -13.90
C ARG A 98 6.81 -6.83 -14.46
N GLY A 99 6.28 -5.61 -14.68
CA GLY A 99 7.07 -4.56 -15.30
C GLY A 99 8.29 -4.17 -14.45
N LEU A 100 8.13 -4.23 -13.14
CA LEU A 100 9.24 -3.90 -12.26
C LEU A 100 10.32 -4.97 -12.35
N ILE A 101 9.91 -6.23 -12.28
CA ILE A 101 10.87 -7.34 -12.37
C ILE A 101 11.61 -7.26 -13.70
N GLN A 102 10.87 -7.02 -14.77
CA GLN A 102 11.48 -6.99 -16.10
C GLN A 102 12.48 -5.86 -16.21
N LEU A 103 12.13 -4.70 -15.69
CA LEU A 103 13.02 -3.54 -15.73
C LEU A 103 14.32 -3.82 -14.98
N ALA A 104 14.20 -4.33 -13.76
CA ALA A 104 15.37 -4.74 -12.99
C ALA A 104 16.22 -5.77 -13.72
N ASN A 105 15.59 -6.81 -14.26
CA ASN A 105 16.35 -7.85 -14.95
C ASN A 105 17.09 -7.24 -16.12
N MET A 106 16.41 -6.34 -16.83
CA MET A 106 17.02 -5.72 -18.00
C MET A 106 18.30 -4.95 -17.64
N LEU A 107 18.21 -4.10 -16.63
CA LEU A 107 19.36 -3.29 -16.17
C LEU A 107 20.51 -4.17 -15.62
N ARG A 108 20.17 -5.18 -14.82
CA ARG A 108 21.17 -6.11 -14.29
C ARG A 108 21.83 -6.86 -15.42
N SER A 109 21.04 -7.25 -16.40
CA SER A 109 21.59 -8.02 -17.52
C SER A 109 22.53 -7.13 -18.32
N GLN A 110 22.15 -5.87 -18.50
CA GLN A 110 23.00 -4.91 -19.22
C GLN A 110 24.33 -4.70 -18.49
N ALA A 111 24.26 -4.58 -17.17
CA ALA A 111 25.44 -4.42 -16.34
C ALA A 111 26.36 -5.63 -16.45
N ALA A 112 25.81 -6.82 -16.17
CA ALA A 112 26.57 -8.07 -16.24
C ALA A 112 27.30 -8.21 -17.57
N ARG A 113 26.59 -7.94 -18.66
CA ARG A 113 27.16 -8.09 -19.98
C ARG A 113 28.22 -7.02 -20.20
N SER A 114 28.22 -5.98 -19.36
CA SER A 114 29.22 -4.92 -19.45
C SER A 114 30.37 -5.08 -18.43
N GLY A 115 30.44 -6.22 -17.77
CA GLY A 115 31.53 -6.50 -16.84
C GLY A 115 31.20 -6.23 -15.38
N CYS A 116 30.07 -5.60 -15.12
CA CYS A 116 29.65 -5.28 -13.76
C CYS A 116 29.04 -6.49 -13.03
N PHE A 117 29.78 -7.06 -12.08
CA PHE A 117 29.32 -8.21 -11.32
C PHE A 117 27.93 -8.03 -10.72
N GLN A 118 27.06 -9.01 -10.96
CA GLN A 118 25.71 -9.00 -10.40
C GLN A 118 25.48 -10.22 -9.52
N SER A 119 24.95 -9.98 -8.31
CA SER A 119 24.64 -11.06 -7.38
C SER A 119 23.64 -12.05 -7.97
N ASN A 120 23.92 -13.34 -7.83
CA ASN A 120 23.02 -14.37 -8.34
C ASN A 120 21.75 -14.47 -7.49
N ARG A 121 21.70 -13.73 -6.39
CA ARG A 121 20.52 -13.70 -5.53
C ARG A 121 19.35 -13.09 -6.26
N PRO A 122 18.22 -13.82 -6.30
CA PRO A 122 16.97 -13.39 -6.95
C PRO A 122 16.60 -11.97 -6.52
N PHE A 123 16.30 -11.12 -7.49
CA PHE A 123 15.90 -9.74 -7.22
C PHE A 123 14.76 -9.72 -6.20
N HIS A 124 14.94 -8.99 -5.10
CA HIS A 124 13.90 -8.85 -4.08
C HIS A 124 13.59 -7.38 -3.89
N PRO A 125 12.70 -6.82 -4.71
CA PRO A 125 12.53 -5.36 -4.64
C PRO A 125 12.06 -4.92 -3.26
N HIS A 126 12.69 -3.88 -2.74
CA HIS A 126 12.40 -3.43 -1.41
C HIS A 126 12.85 -1.99 -1.23
N ILE A 127 12.29 -1.33 -0.23
CA ILE A 127 12.72 0.00 0.17
C ILE A 127 13.17 -0.12 1.62
N THR A 128 14.46 0.02 1.86
CA THR A 128 14.98 -0.08 3.21
C THR A 128 14.58 1.15 4.02
N LEU A 129 14.08 0.93 5.23
CA LEU A 129 13.65 2.00 6.12
C LEU A 129 14.59 2.19 7.30
N LEU A 130 15.09 1.07 7.81
CA LEU A 130 16.05 1.07 8.92
C LEU A 130 17.28 0.26 8.57
N ARG A 131 18.45 0.75 8.96
CA ARG A 131 19.69 0.00 8.85
C ARG A 131 20.23 -0.31 10.23
N ASP A 132 21.17 -1.25 10.29
CA ASP A 132 21.75 -1.68 11.55
C ASP A 132 20.65 -2.11 12.51
N ALA A 133 19.61 -2.69 11.94
CA ALA A 133 18.54 -3.30 12.72
C ALA A 133 18.95 -4.74 13.04
N SER A 134 19.95 -4.89 13.89
CA SER A 134 20.57 -6.18 14.15
C SER A 134 19.71 -7.09 15.03
N GLU A 135 18.69 -6.51 15.64
CA GLU A 135 17.82 -7.27 16.52
C GLU A 135 16.42 -7.39 15.94
N ALA A 136 15.83 -8.57 16.09
CA ALA A 136 14.47 -8.81 15.62
C ALA A 136 13.51 -7.84 16.28
N VAL A 137 12.59 -7.27 15.49
CA VAL A 137 11.59 -6.34 16.03
C VAL A 137 10.23 -6.60 15.40
N THR A 138 9.17 -6.21 16.10
CA THR A 138 7.82 -6.38 15.59
C THR A 138 7.63 -5.50 14.37
N ILE A 139 7.09 -6.09 13.30
CA ILE A 139 6.86 -5.38 12.05
C ILE A 139 5.37 -5.23 11.75
N PRO A 140 4.86 -4.00 11.84
CA PRO A 140 3.45 -3.83 11.49
C PRO A 140 3.26 -3.86 9.98
N PRO A 141 2.01 -4.06 9.51
CA PRO A 141 1.76 -3.87 8.09
C PRO A 141 1.98 -2.41 7.69
N PRO A 142 2.26 -2.15 6.41
CA PRO A 142 2.42 -0.78 5.93
C PRO A 142 1.12 0.02 6.07
N GLY A 143 1.19 1.31 5.84
CA GLY A 143 0.02 2.16 5.91
C GLY A 143 -0.90 1.89 4.74
N PHE A 144 -2.07 2.51 4.76
CA PHE A 144 -3.09 2.28 3.74
C PHE A 144 -2.81 3.07 2.45
N ASN A 145 -2.93 2.40 1.31
CA ASN A 145 -2.98 3.06 0.02
C ASN A 145 -1.67 3.69 -0.41
N TRP A 146 -0.55 3.04 -0.04
CA TRP A 146 0.74 3.52 -0.49
C TRP A 146 0.98 3.02 -1.91
N SER A 147 0.34 3.67 -2.88
CA SER A 147 0.25 3.15 -4.23
C SER A 147 0.48 4.30 -5.18
N TYR A 148 1.28 4.09 -6.22
CA TYR A 148 1.55 5.18 -7.15
C TYR A 148 2.06 4.69 -8.49
N ALA A 149 1.94 5.55 -9.49
CA ALA A 149 2.44 5.17 -10.80
C ALA A 149 3.92 5.52 -10.95
N VAL A 150 4.68 4.55 -11.43
CA VAL A 150 6.10 4.71 -11.72
C VAL A 150 6.24 5.16 -13.17
N THR A 151 6.83 6.34 -13.39
CA THR A 151 6.89 6.93 -14.72
C THR A 151 8.29 6.98 -15.30
N GLU A 152 9.29 6.67 -14.47
CA GLU A 152 10.70 6.86 -14.81
C GLU A 152 11.58 5.98 -13.94
N PHE A 153 12.84 5.81 -14.36
CA PHE A 153 13.87 5.30 -13.45
C PHE A 153 15.11 6.17 -13.58
N THR A 154 16.00 6.08 -12.59
CA THR A 154 17.05 7.07 -12.47
C THR A 154 18.37 6.40 -12.17
N LEU A 155 19.44 6.93 -12.77
CA LEU A 155 20.81 6.55 -12.43
C LEU A 155 21.37 7.51 -11.37
N TYR A 156 21.85 6.95 -10.27
CA TYR A 156 22.35 7.72 -9.13
C TYR A 156 23.82 7.47 -8.91
N ALA A 157 24.50 8.50 -8.41
CA ALA A 157 25.82 8.31 -7.83
C ALA A 157 25.73 8.40 -6.31
N SER A 158 26.49 7.53 -5.65
CA SER A 158 26.49 7.46 -4.20
C SER A 158 27.82 7.95 -3.62
N SER A 159 27.75 8.86 -2.65
CA SER A 159 28.97 9.40 -2.03
C SER A 159 28.79 9.52 -0.52
N PHE A 160 29.89 9.49 0.21
CA PHE A 160 29.78 9.52 1.66
C PHE A 160 30.77 10.49 2.30
N ALA A 161 30.24 11.40 3.11
CA ALA A 161 31.06 12.34 3.86
C ALA A 161 30.28 12.84 5.06
N ARG A 162 31.00 13.13 6.15
CA ARG A 162 30.40 13.72 7.34
C ARG A 162 29.46 12.75 8.08
N GLY A 163 29.49 11.49 7.69
CA GLY A 163 28.65 10.49 8.34
C GLY A 163 27.26 10.41 7.71
N ARG A 164 27.10 11.09 6.58
CA ARG A 164 25.83 11.08 5.87
C ARG A 164 26.04 10.70 4.40
N THR A 165 25.34 9.65 3.98
CA THR A 165 25.42 9.22 2.60
C THR A 165 24.50 10.11 1.75
N ARG A 166 24.96 10.46 0.55
CA ARG A 166 24.20 11.30 -0.37
C ARG A 166 24.02 10.59 -1.68
N TYR A 167 22.84 10.70 -2.28
CA TYR A 167 22.60 10.20 -3.62
C TYR A 167 22.41 11.39 -4.56
N THR A 168 23.12 11.42 -5.67
CA THR A 168 23.00 12.50 -6.64
C THR A 168 22.47 11.97 -7.97
N PRO A 169 21.32 12.50 -8.45
CA PRO A 169 20.80 12.00 -9.71
C PRO A 169 21.73 12.38 -10.88
N LEU A 170 21.98 11.44 -11.78
CA LEU A 170 22.83 11.67 -12.95
C LEU A 170 22.01 11.73 -14.23
N LYS A 171 21.09 10.79 -14.38
N LYS A 171 21.10 10.79 -14.38
CA LYS A 171 20.26 10.66 -15.58
CA LYS A 171 20.22 10.73 -15.55
C LYS A 171 18.92 10.04 -15.21
C LYS A 171 18.90 10.09 -15.15
N ARG A 172 17.86 10.44 -15.90
CA ARG A 172 16.55 9.82 -15.75
C ARG A 172 16.04 9.36 -17.10
N TRP A 173 15.22 8.31 -17.10
CA TRP A 173 14.58 7.84 -18.32
C TRP A 173 13.09 7.57 -18.07
N ALA A 174 12.23 8.13 -18.92
CA ALA A 174 10.80 7.83 -18.80
C ALA A 174 10.51 6.39 -19.23
N LEU A 175 9.49 5.77 -18.66
N LEU A 175 9.52 5.79 -18.56
CA LEU A 175 9.12 4.43 -19.09
CA LEU A 175 8.86 4.59 -19.05
C LEU A 175 8.11 4.47 -20.26
C LEU A 175 7.71 5.04 -19.94
N THR A 176 8.60 4.24 -21.48
N THR A 176 7.20 4.18 -20.81
CA THR A 176 7.80 4.37 -22.73
CA THR A 176 6.20 4.64 -21.77
C THR A 176 7.87 3.13 -23.62
C THR A 176 4.80 4.80 -21.15
N GLN A 177 6.76 2.81 -24.28
N GLN A 177 3.95 5.52 -21.86
CA GLN A 177 6.67 1.62 -25.13
CA GLN A 177 2.74 6.10 -21.29
C GLN A 177 7.45 1.76 -26.43
C GLN A 177 1.48 5.76 -22.06
N GLU B 4 -4.14 -16.46 21.97
CA GLU B 4 -5.46 -15.90 22.24
C GLU B 4 -6.13 -15.42 20.94
N PRO B 5 -7.41 -15.80 20.76
CA PRO B 5 -8.18 -15.54 19.53
C PRO B 5 -8.48 -14.06 19.32
N GLN B 6 -8.46 -13.64 18.07
CA GLN B 6 -8.84 -12.28 17.73
C GLN B 6 -10.13 -12.26 16.91
N ARG B 7 -10.83 -11.14 16.99
CA ARG B 7 -12.02 -10.88 16.20
C ARG B 7 -11.70 -10.16 14.88
N LEU B 8 -11.79 -10.87 13.77
CA LEU B 8 -11.20 -10.41 12.51
C LEU B 8 -12.25 -10.07 11.43
N PHE B 9 -11.89 -9.15 10.54
CA PHE B 9 -12.64 -8.99 9.31
C PHE B 9 -11.74 -8.45 8.21
N PHE B 10 -12.14 -8.73 6.97
CA PHE B 10 -11.50 -8.18 5.79
C PHE B 10 -12.27 -6.96 5.36
N ALA B 11 -11.58 -5.93 4.89
CA ALA B 11 -12.28 -4.73 4.44
C ALA B 11 -11.54 -3.95 3.39
N ILE B 12 -12.27 -3.06 2.74
CA ILE B 12 -11.72 -2.09 1.83
C ILE B 12 -11.84 -0.71 2.52
N ASP B 13 -10.80 0.11 2.40
CA ASP B 13 -10.77 1.41 3.07
C ASP B 13 -11.03 2.59 2.16
N LEU B 14 -11.20 3.77 2.78
N LEU B 14 -11.28 3.77 2.74
CA LEU B 14 -11.49 5.04 2.12
CA LEU B 14 -11.52 4.96 1.92
C LEU B 14 -10.30 5.98 2.13
C LEU B 14 -10.38 5.95 2.08
N PRO B 15 -10.01 6.62 0.98
CA PRO B 15 -8.96 7.65 0.98
C PRO B 15 -9.37 8.75 1.95
N ALA B 16 -8.40 9.42 2.56
CA ALA B 16 -8.68 10.46 3.54
C ALA B 16 -9.63 11.55 3.06
N GLU B 17 -9.43 12.00 1.82
CA GLU B 17 -10.25 13.11 1.32
C GLU B 17 -11.73 12.74 1.27
N ILE B 18 -12.03 11.53 0.82
CA ILE B 18 -13.40 11.10 0.73
C ILE B 18 -13.98 10.89 2.12
N ARG B 19 -13.18 10.34 3.05
N ARG B 19 -13.17 10.34 3.03
CA ARG B 19 -13.66 10.17 4.43
CA ARG B 19 -13.59 10.17 4.43
C ARG B 19 -14.09 11.53 5.00
C ARG B 19 -14.05 11.51 5.00
N GLU B 20 -13.27 12.56 4.77
CA GLU B 20 -13.61 13.89 5.25
C GLU B 20 -14.87 14.44 4.63
N GLN B 21 -15.01 14.24 3.32
CA GLN B 21 -16.22 14.68 2.62
C GLN B 21 -17.45 14.01 3.18
N ILE B 22 -17.34 12.72 3.45
CA ILE B 22 -18.42 11.94 4.03
C ILE B 22 -18.82 12.44 5.40
N ILE B 23 -17.87 12.66 6.29
CA ILE B 23 -18.28 13.10 7.60
C ILE B 23 -18.86 14.54 7.58
N HIS B 24 -18.37 15.39 6.68
N HIS B 24 -18.39 15.38 6.66
CA HIS B 24 -18.95 16.73 6.51
CA HIS B 24 -18.97 16.73 6.53
C HIS B 24 -20.41 16.63 6.05
C HIS B 24 -20.41 16.64 6.04
N TRP B 25 -20.65 15.82 5.03
CA TRP B 25 -21.97 15.59 4.48
C TRP B 25 -22.92 14.99 5.53
N ARG B 26 -22.41 14.04 6.31
CA ARG B 26 -23.19 13.38 7.35
C ARG B 26 -23.61 14.37 8.42
N ALA B 27 -22.68 15.23 8.85
CA ALA B 27 -23.03 16.21 9.88
C ALA B 27 -24.06 17.19 9.36
N LYS B 28 -23.98 17.51 8.07
CA LYS B 28 -24.90 18.46 7.46
C LYS B 28 -26.34 17.92 7.39
N HIS B 29 -26.47 16.62 7.14
CA HIS B 29 -27.77 16.03 6.81
C HIS B 29 -28.42 15.15 7.88
N PHE B 30 -27.68 14.81 8.93
CA PHE B 30 -28.21 13.95 9.98
C PHE B 30 -27.96 14.56 11.35
N PRO B 31 -29.02 15.00 12.03
CA PRO B 31 -28.82 15.51 13.38
C PRO B 31 -28.27 14.40 14.30
N PRO B 32 -27.68 14.77 15.43
CA PRO B 32 -27.17 13.77 16.39
C PRO B 32 -28.22 12.72 16.76
N GLU B 33 -29.48 13.11 16.79
CA GLU B 33 -30.57 12.24 17.19
C GLU B 33 -30.88 11.14 16.17
N ALA B 34 -30.36 11.29 14.94
CA ALA B 34 -30.64 10.34 13.86
C ALA B 34 -29.97 9.01 14.08
N GLY B 35 -28.94 9.00 14.92
CA GLY B 35 -28.21 7.76 15.18
C GLY B 35 -26.80 8.07 15.60
N ARG B 36 -26.08 7.05 16.07
CA ARG B 36 -24.70 7.18 16.53
C ARG B 36 -23.71 7.18 15.35
N PRO B 37 -22.96 8.27 15.19
CA PRO B 37 -22.05 8.39 14.05
C PRO B 37 -20.84 7.45 14.15
N VAL B 38 -20.55 6.74 13.08
CA VAL B 38 -19.30 6.00 12.98
C VAL B 38 -18.15 6.99 12.89
N ALA B 39 -17.12 6.76 13.72
CA ALA B 39 -15.95 7.63 13.74
C ALA B 39 -15.31 7.68 12.37
N ALA B 40 -14.83 8.86 11.98
CA ALA B 40 -14.19 9.04 10.68
C ALA B 40 -13.21 7.92 10.32
N ASP B 41 -12.29 7.61 11.23
CA ASP B 41 -11.29 6.58 10.93
C ASP B 41 -11.84 5.17 10.82
N ASN B 42 -13.08 4.98 11.27
CA ASN B 42 -13.66 3.64 11.30
C ASN B 42 -14.55 3.40 10.10
N LEU B 43 -14.69 4.41 9.25
CA LEU B 43 -15.50 4.21 8.05
C LEU B 43 -14.81 3.23 7.11
N HIS B 44 -15.52 2.18 6.70
CA HIS B 44 -14.91 1.17 5.82
C HIS B 44 -16.01 0.36 5.12
N LEU B 45 -15.61 -0.47 4.15
CA LEU B 45 -16.54 -1.37 3.49
C LEU B 45 -16.13 -2.81 3.78
N THR B 46 -16.93 -3.51 4.54
CA THR B 46 -16.58 -4.87 4.92
C THR B 46 -16.75 -5.87 3.78
N LEU B 47 -15.71 -6.68 3.57
CA LEU B 47 -15.76 -7.78 2.60
C LEU B 47 -16.24 -9.09 3.19
N ALA B 48 -15.74 -9.40 4.38
CA ALA B 48 -16.14 -10.62 5.05
C ALA B 48 -15.80 -10.49 6.50
N PHE B 49 -16.76 -10.84 7.34
CA PHE B 49 -16.53 -10.88 8.77
C PHE B 49 -16.25 -12.31 9.18
N LEU B 50 -15.18 -12.51 9.95
CA LEU B 50 -14.72 -13.85 10.29
C LEU B 50 -15.09 -14.24 11.72
N GLY B 51 -15.32 -13.24 12.56
CA GLY B 51 -15.61 -13.47 13.97
C GLY B 51 -14.33 -13.76 14.73
N GLU B 52 -14.46 -14.52 15.82
N GLU B 52 -14.47 -14.49 15.83
CA GLU B 52 -13.30 -14.88 16.64
CA GLU B 52 -13.30 -14.89 16.62
C GLU B 52 -12.48 -15.97 15.96
C GLU B 52 -12.49 -15.94 15.87
N VAL B 53 -11.20 -15.69 15.72
CA VAL B 53 -10.33 -16.57 14.97
C VAL B 53 -9.03 -16.92 15.71
N SER B 54 -8.73 -18.21 15.83
CA SER B 54 -7.49 -18.66 16.45
C SER B 54 -6.29 -18.22 15.62
N ALA B 55 -5.13 -18.12 16.25
CA ALA B 55 -3.92 -17.73 15.54
C ALA B 55 -3.70 -18.68 14.35
N GLU B 56 -3.96 -19.96 14.59
CA GLU B 56 -3.80 -21.00 13.58
C GLU B 56 -4.66 -20.74 12.35
N LYS B 57 -5.95 -20.49 12.58
CA LYS B 57 -6.88 -20.26 11.49
C LYS B 57 -6.59 -18.94 10.80
N GLU B 58 -6.17 -17.94 11.59
CA GLU B 58 -5.78 -16.65 11.02
C GLU B 58 -4.66 -16.85 10.01
N LYS B 59 -3.66 -17.64 10.38
CA LYS B 59 -2.53 -17.87 9.48
C LYS B 59 -3.04 -18.49 8.19
N ALA B 60 -3.98 -19.42 8.33
CA ALA B 60 -4.54 -20.10 7.17
C ALA B 60 -5.33 -19.15 6.29
N LEU B 61 -6.20 -18.35 6.90
CA LEU B 61 -7.03 -17.41 6.16
C LEU B 61 -6.15 -16.37 5.49
N SER B 62 -5.02 -16.05 6.11
CA SER B 62 -4.09 -15.07 5.54
C SER B 62 -3.38 -15.62 4.32
N LEU B 63 -2.99 -16.89 4.38
CA LEU B 63 -2.38 -17.51 3.22
C LEU B 63 -3.39 -17.58 2.06
N LEU B 64 -4.64 -17.88 2.37
CA LEU B 64 -5.66 -17.95 1.33
C LEU B 64 -5.84 -16.56 0.68
N ALA B 65 -5.93 -15.52 1.51
CA ALA B 65 -6.04 -14.15 0.98
C ALA B 65 -4.85 -13.86 0.07
N GLY B 66 -3.68 -14.39 0.44
CA GLY B 66 -2.47 -14.17 -0.32
C GLY B 66 -2.47 -14.87 -1.67
N ARG B 67 -3.38 -15.81 -1.87
CA ARG B 67 -3.44 -16.46 -3.16
C ARG B 67 -4.42 -15.77 -4.12
N ILE B 68 -5.18 -14.82 -3.62
CA ILE B 68 -6.14 -14.14 -4.48
C ILE B 68 -5.39 -13.34 -5.55
N ARG B 69 -5.87 -13.46 -6.78
CA ARG B 69 -5.32 -12.68 -7.89
C ARG B 69 -6.44 -11.99 -8.60
N GLN B 70 -6.49 -10.69 -8.48
CA GLN B 70 -7.41 -9.97 -9.30
C GLN B 70 -7.13 -8.50 -9.32
N PRO B 71 -7.56 -7.87 -10.39
CA PRO B 71 -7.28 -6.47 -10.66
C PRO B 71 -8.01 -5.54 -9.70
N GLY B 72 -7.45 -4.37 -9.52
CA GLY B 72 -8.11 -3.32 -8.79
C GLY B 72 -9.34 -2.90 -9.55
N PHE B 73 -10.12 -2.06 -8.90
CA PHE B 73 -11.37 -1.57 -9.49
C PHE B 73 -11.69 -0.24 -8.84
N THR B 74 -12.63 0.47 -9.45
CA THR B 74 -13.05 1.77 -8.97
C THR B 74 -14.41 1.68 -8.27
N LEU B 75 -14.52 2.36 -7.13
CA LEU B 75 -15.80 2.49 -6.43
C LEU B 75 -16.28 3.93 -6.52
N THR B 76 -17.56 4.08 -6.85
CA THR B 76 -18.17 5.40 -6.95
C THR B 76 -19.42 5.33 -6.09
N LEU B 77 -19.44 6.12 -5.03
CA LEU B 77 -20.47 5.98 -4.00
C LEU B 77 -21.64 6.86 -4.40
N ASP B 78 -22.58 6.27 -5.14
CA ASP B 78 -23.70 7.02 -5.72
C ASP B 78 -25.03 6.78 -5.01
N ASP B 79 -25.00 5.99 -3.93
N ASP B 79 -25.07 5.95 -3.97
CA ASP B 79 -26.21 5.55 -3.25
CA ASP B 79 -26.35 5.89 -3.28
C ASP B 79 -26.13 5.79 -1.74
C ASP B 79 -26.18 5.72 -1.78
N ALA B 80 -27.26 6.05 -1.09
CA ALA B 80 -27.32 6.01 0.36
C ALA B 80 -28.69 5.46 0.73
N GLY B 81 -28.80 4.86 1.91
CA GLY B 81 -30.07 4.31 2.32
C GLY B 81 -30.05 3.98 3.79
N GLN B 82 -31.13 3.36 4.23
CA GLN B 82 -31.31 3.02 5.64
C GLN B 82 -31.88 1.59 5.70
N TRP B 83 -31.31 0.78 6.57
CA TRP B 83 -31.86 -0.53 6.88
C TRP B 83 -32.43 -0.51 8.28
N LEU B 84 -33.75 -0.38 8.38
CA LEU B 84 -34.42 -0.27 9.66
C LEU B 84 -34.21 -1.53 10.50
N ARG B 85 -34.15 -2.68 9.82
CA ARG B 85 -33.97 -3.98 10.48
C ARG B 85 -32.70 -3.97 11.34
N SER B 86 -31.59 -3.56 10.75
CA SER B 86 -30.32 -3.49 11.48
C SER B 86 -30.03 -2.09 12.05
N ARG B 87 -30.96 -1.16 11.81
CA ARG B 87 -30.85 0.18 12.34
C ARG B 87 -29.56 0.86 11.89
N VAL B 88 -29.28 0.82 10.60
CA VAL B 88 -28.13 1.57 10.10
C VAL B 88 -28.47 2.46 8.91
N VAL B 89 -27.70 3.53 8.81
CA VAL B 89 -27.71 4.36 7.61
C VAL B 89 -26.37 4.14 6.92
N TRP B 90 -26.43 3.89 5.62
CA TRP B 90 -25.24 3.45 4.85
C TRP B 90 -25.08 4.21 3.55
N LEU B 91 -23.86 4.15 3.03
CA LEU B 91 -23.51 4.57 1.70
C LEU B 91 -23.15 3.34 0.88
N GLY B 92 -23.38 3.41 -0.43
CA GLY B 92 -23.03 2.28 -1.27
C GLY B 92 -22.95 2.63 -2.73
N MET B 93 -22.93 1.61 -3.60
N MET B 93 -22.92 1.59 -3.53
CA MET B 93 -22.82 1.82 -5.06
CA MET B 93 -22.99 1.73 -4.97
C MET B 93 -23.93 1.02 -5.74
C MET B 93 -24.30 1.13 -5.43
N ARG B 94 -24.83 1.69 -6.49
CA ARG B 94 -25.97 1.04 -7.14
C ARG B 94 -25.55 -0.19 -7.95
N GLN B 95 -24.47 -0.08 -8.69
CA GLN B 95 -24.02 -1.18 -9.54
C GLN B 95 -22.55 -1.43 -9.22
N PRO B 96 -22.30 -2.20 -8.15
CA PRO B 96 -20.92 -2.43 -7.74
C PRO B 96 -20.13 -3.19 -8.82
N PRO B 97 -18.85 -2.88 -8.99
CA PRO B 97 -18.07 -3.62 -9.98
C PRO B 97 -17.98 -5.10 -9.67
N ARG B 98 -17.94 -5.93 -10.71
CA ARG B 98 -17.87 -7.37 -10.52
C ARG B 98 -16.66 -7.76 -9.64
N GLY B 99 -15.56 -7.05 -9.81
CA GLY B 99 -14.35 -7.29 -9.03
C GLY B 99 -14.59 -7.25 -7.52
N LEU B 100 -15.44 -6.34 -7.07
CA LEU B 100 -15.71 -6.24 -5.66
C LEU B 100 -16.47 -7.46 -5.17
N ILE B 101 -17.48 -7.87 -5.93
CA ILE B 101 -18.28 -9.01 -5.55
C ILE B 101 -17.42 -10.26 -5.56
N GLN B 102 -16.56 -10.39 -6.57
CA GLN B 102 -15.68 -11.56 -6.70
C GLN B 102 -14.76 -11.66 -5.48
N LEU B 103 -14.18 -10.53 -5.10
CA LEU B 103 -13.24 -10.49 -3.99
C LEU B 103 -13.94 -10.89 -2.69
N ALA B 104 -15.10 -10.27 -2.44
CA ALA B 104 -15.88 -10.58 -1.24
C ALA B 104 -16.26 -12.05 -1.20
N ASN B 105 -16.72 -12.56 -2.33
CA ASN B 105 -17.13 -13.96 -2.40
C ASN B 105 -15.97 -14.92 -2.16
N MET B 106 -14.80 -14.59 -2.69
CA MET B 106 -13.64 -15.47 -2.51
C MET B 106 -13.21 -15.51 -1.05
N LEU B 107 -13.22 -14.35 -0.42
CA LEU B 107 -12.85 -14.24 0.98
C LEU B 107 -13.84 -14.98 1.86
N ARG B 108 -15.12 -14.78 1.57
CA ARG B 108 -16.17 -15.47 2.31
C ARG B 108 -16.09 -16.98 2.08
N SER B 109 -15.67 -17.38 0.88
CA SER B 109 -15.60 -18.80 0.55
C SER B 109 -14.41 -19.47 1.21
N GLN B 110 -13.26 -18.78 1.18
CA GLN B 110 -12.04 -19.30 1.78
C GLN B 110 -12.24 -19.55 3.27
N ALA B 111 -12.89 -18.60 3.95
CA ALA B 111 -13.27 -18.78 5.34
C ALA B 111 -14.10 -20.03 5.48
N ALA B 112 -15.13 -20.14 4.64
CA ALA B 112 -16.09 -21.25 4.67
C ALA B 112 -15.40 -22.60 4.56
N ARG B 113 -14.57 -22.75 3.54
CA ARG B 113 -13.88 -24.02 3.29
C ARG B 113 -12.72 -24.24 4.25
N SER B 114 -12.50 -23.28 5.14
CA SER B 114 -11.44 -23.38 6.15
C SER B 114 -12.04 -23.46 7.55
N PRO B 122 -25.74 -13.24 1.81
CA PRO B 122 -26.00 -12.36 0.67
C PRO B 122 -25.22 -11.04 0.77
N PHE B 123 -24.11 -10.93 0.04
CA PHE B 123 -23.25 -9.75 0.11
C PHE B 123 -23.98 -8.48 -0.32
N HIS B 124 -24.03 -7.51 0.58
CA HIS B 124 -24.61 -6.20 0.27
C HIS B 124 -23.58 -5.14 0.63
N PRO B 125 -22.68 -4.83 -0.31
CA PRO B 125 -21.58 -3.92 -0.01
C PRO B 125 -22.11 -2.57 0.42
N HIS B 126 -21.58 -2.06 1.52
CA HIS B 126 -22.04 -0.80 2.07
C HIS B 126 -20.98 -0.25 3.02
N ILE B 127 -21.06 1.05 3.24
CA ILE B 127 -20.29 1.71 4.28
C ILE B 127 -21.27 2.28 5.31
N THR B 128 -21.23 1.76 6.52
CA THR B 128 -22.17 2.23 7.54
C THR B 128 -21.74 3.59 8.06
N LEU B 129 -22.69 4.53 8.10
CA LEU B 129 -22.44 5.89 8.57
C LEU B 129 -22.96 6.13 9.96
N LEU B 130 -24.13 5.55 10.25
CA LEU B 130 -24.78 5.72 11.53
C LEU B 130 -25.28 4.40 12.04
N ARG B 131 -25.13 4.17 13.34
N ARG B 131 -25.16 4.19 13.34
CA ARG B 131 -25.67 2.98 13.98
CA ARG B 131 -25.68 2.98 13.96
C ARG B 131 -26.78 3.35 14.93
C ARG B 131 -26.74 3.34 14.98
N ASP B 132 -27.58 2.36 15.34
CA ASP B 132 -28.68 2.58 16.25
C ASP B 132 -29.61 3.66 15.69
N ALA B 133 -29.74 3.66 14.37
CA ALA B 133 -30.64 4.56 13.69
C ALA B 133 -31.98 3.86 13.58
N SER B 134 -32.63 3.73 14.73
CA SER B 134 -33.79 2.87 14.88
C SER B 134 -35.05 3.51 14.33
N GLU B 135 -34.96 4.79 14.00
CA GLU B 135 -36.09 5.48 13.40
C GLU B 135 -35.77 5.86 11.95
N ALA B 136 -36.79 5.75 11.10
CA ALA B 136 -36.67 6.14 9.70
C ALA B 136 -36.36 7.63 9.62
N VAL B 137 -35.40 7.98 8.77
CA VAL B 137 -35.06 9.37 8.53
C VAL B 137 -34.89 9.61 7.04
N THR B 138 -35.03 10.87 6.64
CA THR B 138 -34.84 11.24 5.25
C THR B 138 -33.41 11.00 4.84
N ILE B 139 -33.23 10.26 3.75
CA ILE B 139 -31.89 9.98 3.25
C ILE B 139 -31.63 10.77 1.98
N PRO B 140 -30.78 11.80 2.07
CA PRO B 140 -30.47 12.49 0.83
C PRO B 140 -29.49 11.66 0.00
N PRO B 141 -29.33 12.01 -1.27
CA PRO B 141 -28.27 11.37 -2.06
C PRO B 141 -26.90 11.73 -1.49
N PRO B 142 -25.88 10.91 -1.78
CA PRO B 142 -24.53 11.22 -1.32
C PRO B 142 -23.99 12.47 -2.02
N GLY B 143 -22.89 13.01 -1.53
CA GLY B 143 -22.25 14.13 -2.18
C GLY B 143 -21.72 13.78 -3.55
N PHE B 144 -21.24 14.80 -4.26
CA PHE B 144 -20.80 14.64 -5.65
C PHE B 144 -19.40 14.09 -5.79
N ASN B 145 -19.23 13.10 -6.68
CA ASN B 145 -17.91 12.68 -7.10
C ASN B 145 -17.11 11.89 -6.05
N TRP B 146 -17.79 11.12 -5.22
CA TRP B 146 -17.11 10.27 -4.25
C TRP B 146 -16.65 8.99 -4.95
N SER B 147 -15.56 9.10 -5.71
CA SER B 147 -15.14 8.02 -6.60
C SER B 147 -13.66 7.79 -6.44
N TYR B 148 -13.22 6.54 -6.28
CA TYR B 148 -11.80 6.32 -6.10
C TYR B 148 -11.40 4.92 -6.48
N ALA B 149 -10.11 4.75 -6.76
CA ALA B 149 -9.58 3.47 -7.15
C ALA B 149 -9.18 2.63 -5.92
N VAL B 150 -9.65 1.39 -5.88
CA VAL B 150 -9.32 0.48 -4.78
C VAL B 150 -8.06 -0.27 -5.17
N THR B 151 -6.99 -0.17 -4.35
CA THR B 151 -5.69 -0.71 -4.70
C THR B 151 -5.29 -1.93 -3.87
N GLU B 152 -6.06 -2.20 -2.82
CA GLU B 152 -5.66 -3.23 -1.87
C GLU B 152 -6.83 -3.58 -0.96
N PHE B 153 -6.72 -4.66 -0.18
CA PHE B 153 -7.69 -4.91 0.88
C PHE B 153 -6.93 -5.33 2.11
N THR B 154 -7.60 -5.26 3.24
CA THR B 154 -6.91 -5.39 4.52
C THR B 154 -7.63 -6.31 5.52
N LEU B 155 -6.85 -7.08 6.27
CA LEU B 155 -7.35 -7.88 7.37
C LEU B 155 -7.19 -7.05 8.62
N TYR B 156 -8.30 -6.83 9.33
CA TYR B 156 -8.33 -6.06 10.58
C TYR B 156 -8.69 -6.93 11.76
N ALA B 157 -8.20 -6.52 12.94
CA ALA B 157 -8.71 -7.02 14.21
C ALA B 157 -9.56 -5.95 14.83
N SER B 158 -10.67 -6.36 15.42
CA SER B 158 -11.53 -5.42 16.10
C SER B 158 -11.38 -5.56 17.61
N SER B 159 -11.25 -4.43 18.31
CA SER B 159 -11.12 -4.44 19.76
C SER B 159 -11.80 -3.22 20.38
N PHE B 160 -11.87 -3.21 21.70
CA PHE B 160 -12.32 -2.04 22.45
C PHE B 160 -11.14 -1.39 23.16
N ALA B 161 -10.99 -0.09 22.95
CA ALA B 161 -10.02 0.70 23.70
C ALA B 161 -10.68 2.01 24.12
N ARG B 162 -10.47 2.41 25.36
CA ARG B 162 -11.03 3.67 25.84
C ARG B 162 -12.54 3.63 25.83
N GLY B 163 -13.10 2.43 25.72
CA GLY B 163 -14.54 2.26 25.60
C GLY B 163 -15.03 2.44 24.17
N ARG B 164 -14.11 2.71 23.25
CA ARG B 164 -14.44 2.86 21.84
C ARG B 164 -14.13 1.59 21.06
N THR B 165 -14.65 1.51 19.84
CA THR B 165 -14.29 0.44 18.92
C THR B 165 -13.04 0.84 18.14
N ARG B 166 -12.07 -0.06 18.10
CA ARG B 166 -10.83 0.20 17.38
C ARG B 166 -10.52 -0.92 16.41
N TYR B 167 -10.07 -0.56 15.21
CA TYR B 167 -9.62 -1.55 14.24
C TYR B 167 -8.11 -1.47 14.12
N THR B 168 -7.46 -2.62 14.16
CA THR B 168 -6.01 -2.66 14.00
C THR B 168 -5.68 -3.42 12.73
N PRO B 169 -4.97 -2.76 11.79
CA PRO B 169 -4.62 -3.49 10.57
C PRO B 169 -3.62 -4.60 10.91
N LEU B 170 -3.82 -5.79 10.34
CA LEU B 170 -2.90 -6.91 10.58
C LEU B 170 -2.05 -7.20 9.37
N LYS B 171 -2.70 -7.21 8.20
CA LYS B 171 -2.05 -7.49 6.91
C LYS B 171 -2.82 -6.78 5.79
N ARG B 172 -2.09 -6.40 4.74
CA ARG B 172 -2.70 -5.83 3.54
C ARG B 172 -2.25 -6.60 2.31
N TRP B 173 -3.11 -6.67 1.30
CA TRP B 173 -2.75 -7.32 0.04
C TRP B 173 -3.12 -6.40 -1.10
N ALA B 174 -2.14 -6.07 -1.93
CA ALA B 174 -2.42 -5.26 -3.11
C ALA B 174 -3.30 -6.03 -4.11
N LEU B 175 -4.20 -5.31 -4.78
CA LEU B 175 -4.88 -5.82 -5.96
C LEU B 175 -3.97 -5.52 -7.15
N THR B 176 -4.14 -6.20 -8.27
CA THR B 176 -3.21 -5.99 -9.39
C THR B 176 -3.71 -4.81 -10.23
N GLN B 177 -2.82 -4.19 -11.01
CA GLN B 177 -3.24 -3.02 -11.77
C GLN B 177 -4.24 -3.41 -12.84
#